data_1WDV
#
_entry.id   1WDV
#
_cell.length_a   47.435
_cell.length_b   58.917
_cell.length_c   53.603
_cell.angle_alpha   90.00
_cell.angle_beta   106.80
_cell.angle_gamma   90.00
#
_symmetry.space_group_name_H-M   'P 1 21 1'
#
loop_
_entity.id
_entity.type
_entity.pdbx_description
1 polymer 'hypothetical protein APE2540'
2 water water
#
_entity_poly.entity_id   1
_entity_poly.type   'polypeptide(L)'
_entity_poly.pdbx_seq_one_letter_code
;(MSE)LEKVEEWIKARGLTWRLLI(MSE)QKPTRTVAEAAALLGVSESEIVKTLIVLDNAGGVYAVVIPGDKRLNINS
(MSE)KELAGKPVRLARANEVVELTGYPVGGVPPVALPPNIVLVVDRILLSRKKVYGGGGRENALLEFSPRELVEATGAV
VADVSE
;
_entity_poly.pdbx_strand_id   A,B
#
# COMPACT_ATOMS: atom_id res chain seq x y z
N GLU A 3 8.85 21.96 -2.35
CA GLU A 3 9.91 22.97 -2.61
C GLU A 3 11.18 22.33 -3.17
N LYS A 4 11.64 21.26 -2.53
CA LYS A 4 12.86 20.60 -2.99
C LYS A 4 12.71 20.05 -4.40
N VAL A 5 11.56 19.47 -4.73
CA VAL A 5 11.36 18.92 -6.05
C VAL A 5 11.35 20.04 -7.09
N GLU A 6 10.62 21.12 -6.80
CA GLU A 6 10.57 22.26 -7.72
C GLU A 6 11.95 22.87 -7.92
N GLU A 7 12.71 22.99 -6.83
CA GLU A 7 14.06 23.55 -6.89
C GLU A 7 15.00 22.62 -7.70
N TRP A 8 14.74 21.32 -7.65
CA TRP A 8 15.58 20.36 -8.36
C TRP A 8 15.37 20.53 -9.86
N ILE A 9 14.11 20.66 -10.27
CA ILE A 9 13.76 20.83 -11.66
C ILE A 9 14.39 22.06 -12.25
N LYS A 10 14.26 23.16 -11.52
CA LYS A 10 14.81 24.43 -11.96
C LYS A 10 16.34 24.35 -12.11
N ALA A 11 17.00 23.75 -11.11
CA ALA A 11 18.46 23.62 -11.15
C ALA A 11 18.99 22.81 -12.36
N ARG A 12 18.19 21.87 -12.86
CA ARG A 12 18.59 21.06 -14.00
C ARG A 12 18.05 21.63 -15.32
N GLY A 13 17.24 22.69 -15.23
CA GLY A 13 16.65 23.32 -16.39
C GLY A 13 15.66 22.46 -17.15
N LEU A 14 14.98 21.57 -16.44
CA LEU A 14 14.05 20.67 -17.08
C LEU A 14 12.65 21.26 -17.19
N THR A 15 11.84 20.65 -18.06
CA THR A 15 10.47 21.10 -18.31
C THR A 15 9.41 20.38 -17.48
N TRP A 16 9.86 19.55 -16.53
CA TRP A 16 8.93 18.79 -15.69
C TRP A 16 8.03 19.73 -14.91
N ARG A 17 6.84 19.26 -14.56
CA ARG A 17 5.86 20.09 -13.88
C ARG A 17 5.22 19.38 -12.72
N LEU A 18 4.75 20.14 -11.73
CA LEU A 18 4.00 19.55 -10.61
C LEU A 18 2.52 19.80 -10.87
N LEU A 19 1.72 18.74 -10.84
CA LEU A 19 0.29 18.86 -11.05
C LEU A 19 -0.34 18.65 -9.69
N ILE A 20 -1.34 19.44 -9.36
CA ILE A 20 -1.96 19.35 -8.03
C ILE A 20 -3.35 18.75 -8.03
N GLN A 22 -6.82 18.31 -6.09
CA GLN A 22 -7.52 19.05 -5.04
C GLN A 22 -7.57 18.24 -3.73
N LYS A 23 -7.84 16.95 -3.85
CA LYS A 23 -7.84 16.05 -2.73
C LYS A 23 -6.80 14.99 -3.09
N PRO A 24 -5.97 14.58 -2.14
CA PRO A 24 -5.00 13.56 -2.52
C PRO A 24 -5.65 12.25 -2.99
N THR A 25 -5.06 11.60 -4.00
CA THR A 25 -5.66 10.35 -4.44
C THR A 25 -5.25 9.28 -3.48
N ARG A 26 -6.10 8.27 -3.35
CA ARG A 26 -5.84 7.18 -2.43
C ARG A 26 -5.42 5.91 -3.14
N THR A 27 -5.61 5.87 -4.45
CA THR A 27 -5.24 4.69 -5.23
C THR A 27 -4.67 5.09 -6.59
N VAL A 28 -3.95 4.15 -7.21
CA VAL A 28 -3.37 4.38 -8.53
C VAL A 28 -4.52 4.54 -9.55
N ALA A 29 -5.59 3.77 -9.38
CA ALA A 29 -6.73 3.87 -10.29
C ALA A 29 -7.27 5.31 -10.29
N GLU A 30 -7.41 5.89 -9.09
CA GLU A 30 -7.92 7.25 -9.02
C GLU A 30 -7.01 8.26 -9.69
N ALA A 31 -5.70 8.15 -9.46
CA ALA A 31 -4.76 9.07 -10.08
C ALA A 31 -4.81 8.93 -11.60
N ALA A 32 -4.87 7.70 -12.10
CA ALA A 32 -4.92 7.54 -13.55
C ALA A 32 -6.19 8.16 -14.16
N ALA A 33 -7.32 7.89 -13.54
CA ALA A 33 -8.60 8.42 -14.03
C ALA A 33 -8.64 9.94 -14.01
N LEU A 34 -8.19 10.55 -12.93
CA LEU A 34 -8.23 12.00 -12.81
C LEU A 34 -7.33 12.72 -13.81
N LEU A 35 -6.26 12.06 -14.23
CA LEU A 35 -5.35 12.63 -15.24
C LEU A 35 -5.68 12.17 -16.66
N GLY A 36 -6.65 11.25 -16.78
CA GLY A 36 -7.05 10.76 -18.08
C GLY A 36 -6.04 9.85 -18.77
N VAL A 37 -5.24 9.16 -17.95
CA VAL A 37 -4.23 8.27 -18.49
C VAL A 37 -4.44 6.88 -17.97
N SER A 38 -3.46 6.01 -18.16
CA SER A 38 -3.59 4.62 -17.69
C SER A 38 -2.80 4.44 -16.43
N GLU A 39 -3.03 3.34 -15.72
CA GLU A 39 -2.29 3.11 -14.50
C GLU A 39 -0.80 2.97 -14.76
N SER A 40 -0.45 2.45 -15.93
CA SER A 40 0.96 2.27 -16.26
C SER A 40 1.69 3.61 -16.38
N GLU A 41 0.92 4.69 -16.54
CA GLU A 41 1.52 6.03 -16.61
C GLU A 41 1.62 6.74 -15.27
N ILE A 42 1.08 6.11 -14.21
CA ILE A 42 1.19 6.66 -12.86
C ILE A 42 2.31 5.81 -12.23
N VAL A 43 3.47 6.38 -12.00
CA VAL A 43 4.56 5.58 -11.49
C VAL A 43 4.77 5.73 -10.00
N LYS A 44 5.15 4.63 -9.36
CA LYS A 44 5.39 4.72 -7.93
C LYS A 44 6.87 4.58 -7.66
N THR A 45 7.35 5.37 -6.70
CA THR A 45 8.74 5.35 -6.24
C THR A 45 8.70 4.49 -4.99
N LEU A 46 9.17 3.27 -5.11
CA LEU A 46 9.17 2.36 -3.97
C LEU A 46 10.50 2.33 -3.27
N ILE A 47 10.51 2.48 -1.96
CA ILE A 47 11.79 2.42 -1.26
C ILE A 47 12.09 0.97 -0.89
N VAL A 48 13.29 0.51 -1.25
CA VAL A 48 13.72 -0.86 -0.99
C VAL A 48 14.99 -0.81 -0.14
N LEU A 49 15.07 -1.75 0.82
CA LEU A 49 16.22 -1.78 1.73
C LEU A 49 16.99 -3.07 1.62
N ASP A 50 18.33 -3.02 1.61
CA ASP A 50 19.05 -4.27 1.63
C ASP A 50 19.45 -4.53 3.09
N ASN A 51 20.09 -5.66 3.38
CA ASN A 51 20.44 -5.92 4.76
C ASN A 51 21.78 -5.35 5.26
N ALA A 52 22.32 -4.36 4.54
CA ALA A 52 23.57 -3.75 4.94
C ALA A 52 23.52 -2.22 4.88
N GLY A 53 22.34 -1.65 5.19
CA GLY A 53 22.20 -0.22 5.20
C GLY A 53 21.94 0.46 3.85
N GLY A 54 21.84 -0.34 2.79
CA GLY A 54 21.59 0.25 1.47
C GLY A 54 20.14 0.62 1.25
N VAL A 55 19.91 1.74 0.57
CA VAL A 55 18.55 2.18 0.33
C VAL A 55 18.41 2.51 -1.15
N TYR A 56 17.33 1.99 -1.73
CA TYR A 56 17.05 2.21 -3.14
C TYR A 56 15.65 2.82 -3.34
N ALA A 57 15.50 3.61 -4.39
CA ALA A 57 14.20 4.18 -4.78
C ALA A 57 14.00 3.53 -6.15
N VAL A 58 12.94 2.75 -6.28
CA VAL A 58 12.68 1.98 -7.49
C VAL A 58 11.38 2.46 -8.12
N VAL A 59 11.49 2.99 -9.34
CA VAL A 59 10.34 3.53 -10.05
C VAL A 59 9.75 2.50 -11.00
N ILE A 60 8.49 2.13 -10.75
CA ILE A 60 7.81 1.13 -11.57
C ILE A 60 6.43 1.60 -12.00
N PRO A 61 5.87 0.97 -13.04
CA PRO A 61 4.53 1.29 -13.56
C PRO A 61 3.49 1.06 -12.48
N GLY A 62 2.44 1.87 -12.48
CA GLY A 62 1.42 1.78 -11.45
C GLY A 62 0.60 0.51 -11.43
N ASP A 63 0.55 -0.18 -12.57
CA ASP A 63 -0.20 -1.43 -12.66
C ASP A 63 0.67 -2.65 -12.40
N LYS A 64 1.87 -2.46 -11.85
CA LYS A 64 2.73 -3.61 -11.53
C LYS A 64 3.15 -3.52 -10.07
N ARG A 65 3.81 -4.57 -9.59
CA ARG A 65 4.33 -4.60 -8.23
C ARG A 65 5.82 -4.91 -8.33
N LEU A 66 6.54 -4.66 -7.25
CA LEU A 66 7.98 -4.94 -7.27
C LEU A 66 8.31 -6.43 -7.35
N ASN A 67 9.30 -6.77 -8.17
CA ASN A 67 9.77 -8.14 -8.26
C ASN A 67 10.96 -8.16 -7.27
N ILE A 68 10.71 -8.65 -6.07
CA ILE A 68 11.71 -8.69 -5.00
C ILE A 68 12.98 -9.43 -5.41
N ASN A 69 12.80 -10.59 -6.02
CA ASN A 69 13.92 -11.40 -6.47
C ASN A 69 14.81 -10.61 -7.42
N SER A 70 14.19 -9.84 -8.30
CA SER A 70 14.97 -9.03 -9.24
C SER A 70 15.81 -7.98 -8.52
N LYS A 72 16.92 -8.27 -5.45
CA LYS A 72 17.92 -9.01 -4.70
C LYS A 72 19.11 -9.25 -5.60
N GLU A 73 18.84 -9.59 -6.86
CA GLU A 73 19.89 -9.83 -7.84
C GLU A 73 20.62 -8.52 -8.17
N LEU A 74 19.85 -7.45 -8.36
CA LEU A 74 20.47 -6.16 -8.67
C LEU A 74 21.34 -5.68 -7.51
N ALA A 75 20.79 -5.77 -6.30
CA ALA A 75 21.50 -5.32 -5.09
C ALA A 75 22.66 -6.23 -4.75
N GLY A 76 22.52 -7.51 -5.05
CA GLY A 76 23.56 -8.47 -4.75
C GLY A 76 23.50 -8.84 -3.27
N LYS A 77 22.40 -8.46 -2.61
CA LYS A 77 22.19 -8.71 -1.20
C LYS A 77 20.70 -8.91 -0.94
N PRO A 78 20.34 -9.55 0.18
CA PRO A 78 18.93 -9.76 0.50
C PRO A 78 18.25 -8.40 0.60
N VAL A 79 17.02 -8.29 0.09
CA VAL A 79 16.30 -7.00 0.17
C VAL A 79 14.86 -7.15 0.61
N ARG A 80 14.24 -6.03 0.94
CA ARG A 80 12.83 -6.03 1.33
C ARG A 80 12.31 -4.64 1.08
N LEU A 81 10.97 -4.52 1.11
CA LEU A 81 10.34 -3.22 0.94
C LEU A 81 10.47 -2.50 2.27
N ALA A 82 10.75 -1.21 2.22
CA ALA A 82 10.78 -0.38 3.42
C ALA A 82 9.32 -0.29 3.84
N ARG A 83 9.07 -0.31 5.14
CA ARG A 83 7.71 -0.14 5.66
C ARG A 83 7.36 1.35 5.60
N ALA A 84 6.08 1.69 5.64
CA ALA A 84 5.67 3.10 5.50
C ALA A 84 6.37 4.11 6.41
N ASN A 85 6.60 3.74 7.67
CA ASN A 85 7.26 4.65 8.59
C ASN A 85 8.71 4.83 8.14
N GLU A 86 9.30 3.77 7.58
CA GLU A 86 10.68 3.84 7.12
C GLU A 86 10.77 4.72 5.88
N VAL A 87 9.76 4.62 5.01
CA VAL A 87 9.74 5.44 3.80
C VAL A 87 9.81 6.93 4.18
N VAL A 88 8.96 7.35 5.11
CA VAL A 88 8.96 8.75 5.51
C VAL A 88 10.25 9.17 6.21
N GLU A 89 10.71 8.32 7.12
CA GLU A 89 11.93 8.59 7.87
C GLU A 89 13.17 8.70 6.97
N LEU A 90 13.33 7.77 6.04
CA LEU A 90 14.54 7.77 5.18
C LEU A 90 14.51 8.75 4.01
N THR A 91 13.31 9.20 3.59
CA THR A 91 13.25 10.10 2.44
C THR A 91 12.89 11.53 2.78
N GLY A 92 12.11 11.69 3.85
CA GLY A 92 11.65 13.01 4.24
C GLY A 92 10.38 13.42 3.49
N TYR A 93 9.78 12.49 2.77
CA TYR A 93 8.54 12.79 2.02
C TYR A 93 7.42 11.88 2.48
N PRO A 94 6.16 12.33 2.31
CA PRO A 94 5.03 11.51 2.75
C PRO A 94 4.78 10.27 1.91
N VAL A 95 4.28 9.22 2.56
CA VAL A 95 3.98 7.95 1.92
C VAL A 95 3.43 8.06 0.51
N GLY A 96 2.40 8.86 0.31
CA GLY A 96 1.84 8.99 -1.04
C GLY A 96 2.42 10.07 -1.95
N GLY A 97 3.61 10.57 -1.62
CA GLY A 97 4.19 11.59 -2.46
C GLY A 97 5.68 11.50 -2.67
N VAL A 98 6.24 10.31 -2.49
CA VAL A 98 7.70 10.14 -2.64
C VAL A 98 8.13 10.41 -4.07
N PRO A 99 8.98 11.41 -4.29
CA PRO A 99 9.47 11.76 -5.63
C PRO A 99 10.66 10.90 -6.03
N PRO A 100 10.97 10.85 -7.34
CA PRO A 100 12.11 10.06 -7.82
C PRO A 100 13.39 10.89 -7.87
N VAL A 101 13.30 12.16 -7.47
CA VAL A 101 14.45 13.05 -7.43
C VAL A 101 14.39 13.85 -6.14
N ALA A 102 15.49 14.54 -5.83
CA ALA A 102 15.57 15.36 -4.63
C ALA A 102 15.42 14.55 -3.33
N LEU A 103 15.89 13.30 -3.38
CA LEU A 103 15.91 12.43 -2.21
C LEU A 103 17.32 12.52 -1.58
N PRO A 104 17.50 12.02 -0.34
CA PRO A 104 18.82 12.08 0.29
C PRO A 104 19.79 11.36 -0.67
N PRO A 105 21.02 11.89 -0.82
CA PRO A 105 22.00 11.31 -1.73
C PRO A 105 22.50 9.90 -1.56
N ASN A 106 22.14 9.24 -0.46
CA ASN A 106 22.56 7.86 -0.27
C ASN A 106 21.63 6.91 -1.01
N ILE A 107 20.43 7.39 -1.33
CA ILE A 107 19.45 6.52 -1.99
C ILE A 107 19.77 6.33 -3.46
N VAL A 108 19.86 5.07 -3.85
CA VAL A 108 20.19 4.70 -5.22
C VAL A 108 18.92 4.57 -6.04
N LEU A 109 18.87 5.28 -7.17
CA LEU A 109 17.68 5.24 -8.03
C LEU A 109 17.73 4.14 -9.09
N VAL A 110 16.64 3.40 -9.22
CA VAL A 110 16.50 2.31 -10.20
C VAL A 110 15.19 2.57 -10.97
N VAL A 111 15.23 2.49 -12.30
CA VAL A 111 14.04 2.75 -13.12
C VAL A 111 13.70 1.52 -13.94
N ASP A 112 12.45 1.06 -13.86
CA ASP A 112 12.07 -0.10 -14.65
C ASP A 112 12.09 0.23 -16.14
N ARG A 113 12.76 -0.61 -16.94
CA ARG A 113 12.88 -0.27 -18.37
C ARG A 113 11.58 -0.23 -19.13
N ILE A 114 10.53 -0.87 -18.64
CA ILE A 114 9.25 -0.83 -19.35
C ILE A 114 8.74 0.62 -19.45
N LEU A 115 9.25 1.50 -18.59
CA LEU A 115 8.82 2.89 -18.63
C LEU A 115 9.55 3.74 -19.66
N LEU A 116 10.66 3.24 -20.21
CA LEU A 116 11.45 4.07 -21.10
C LEU A 116 10.84 4.55 -22.42
N SER A 117 9.93 3.76 -22.99
CA SER A 117 9.29 4.16 -24.23
C SER A 117 8.19 5.19 -24.01
N ARG A 118 7.79 5.38 -22.74
CA ARG A 118 6.72 6.35 -22.46
C ARG A 118 7.31 7.76 -22.35
N LYS A 119 6.78 8.70 -23.12
CA LYS A 119 7.34 10.04 -23.07
C LYS A 119 7.01 10.79 -21.80
N LYS A 120 5.83 10.53 -21.25
CA LYS A 120 5.40 11.25 -20.06
C LYS A 120 4.75 10.33 -19.04
N VAL A 121 5.17 10.45 -17.79
CA VAL A 121 4.57 9.66 -16.71
C VAL A 121 4.37 10.61 -15.54
N TYR A 122 3.62 10.13 -14.54
CA TYR A 122 3.30 10.97 -13.39
C TYR A 122 3.71 10.27 -12.12
N GLY A 123 4.70 10.84 -11.43
CA GLY A 123 5.20 10.23 -10.21
C GLY A 123 4.91 11.05 -8.96
N GLY A 124 5.55 10.69 -7.85
CA GLY A 124 5.32 11.43 -6.62
C GLY A 124 5.89 12.82 -6.75
N GLY A 125 5.11 13.82 -6.32
CA GLY A 125 5.59 15.19 -6.45
C GLY A 125 6.16 15.82 -5.19
N GLY A 126 6.28 15.05 -4.12
CA GLY A 126 6.84 15.61 -2.89
C GLY A 126 5.81 15.89 -1.79
N ARG A 127 4.54 15.85 -2.15
CA ARG A 127 3.41 16.07 -1.24
C ARG A 127 2.35 15.07 -1.66
N GLU A 128 1.47 14.70 -0.73
CA GLU A 128 0.41 13.74 -0.99
C GLU A 128 -0.51 14.16 -2.13
N ASN A 129 -0.65 15.47 -2.34
CA ASN A 129 -1.54 15.98 -3.39
C ASN A 129 -0.83 16.47 -4.65
N ALA A 130 0.46 16.14 -4.80
CA ALA A 130 1.16 16.64 -5.98
C ALA A 130 1.76 15.50 -6.76
N LEU A 131 1.58 15.56 -8.08
CA LEU A 131 2.15 14.58 -8.97
C LEU A 131 3.21 15.25 -9.85
N LEU A 132 4.33 14.55 -10.07
CA LEU A 132 5.39 15.10 -10.90
C LEU A 132 5.25 14.55 -12.32
N GLU A 133 5.02 15.44 -13.28
CA GLU A 133 4.90 15.03 -14.67
C GLU A 133 6.33 15.09 -15.22
N PHE A 134 6.85 13.94 -15.63
CA PHE A 134 8.23 13.88 -16.13
C PHE A 134 8.48 12.81 -17.20
N SER A 135 9.66 12.88 -17.81
CA SER A 135 10.04 11.92 -18.85
C SER A 135 10.99 10.90 -18.24
N PRO A 136 10.67 9.61 -18.34
CA PRO A 136 11.52 8.56 -17.80
C PRO A 136 12.94 8.65 -18.36
N ARG A 137 13.06 8.82 -19.68
CA ARG A 137 14.39 8.92 -20.23
C ARG A 137 15.18 10.09 -19.70
N GLU A 138 14.52 11.24 -19.52
CA GLU A 138 15.20 12.41 -19.00
C GLU A 138 15.63 12.16 -17.55
N LEU A 139 14.81 11.40 -16.82
CA LEU A 139 15.13 11.09 -15.44
C LEU A 139 16.40 10.25 -15.41
N VAL A 140 16.44 9.23 -16.26
CA VAL A 140 17.60 8.36 -16.30
C VAL A 140 18.84 9.14 -16.67
N GLU A 141 18.75 9.96 -17.71
CA GLU A 141 19.93 10.69 -18.14
C GLU A 141 20.42 11.66 -17.08
N ALA A 142 19.50 12.32 -16.40
CA ALA A 142 19.88 13.31 -15.39
C ALA A 142 20.48 12.74 -14.11
N THR A 143 20.16 11.48 -13.82
CA THR A 143 20.60 10.89 -12.56
C THR A 143 21.58 9.74 -12.64
N GLY A 144 21.72 9.17 -13.84
CA GLY A 144 22.59 8.01 -14.00
C GLY A 144 21.93 6.78 -13.43
N ALA A 145 20.62 6.86 -13.24
CA ALA A 145 19.86 5.76 -12.69
C ALA A 145 20.09 4.44 -13.42
N VAL A 146 20.05 3.37 -12.65
CA VAL A 146 20.19 2.03 -13.17
C VAL A 146 18.86 1.60 -13.82
N VAL A 147 18.87 1.18 -15.07
CA VAL A 147 17.65 0.70 -15.73
C VAL A 147 17.63 -0.82 -15.57
N ALA A 148 16.51 -1.38 -15.07
CA ALA A 148 16.43 -2.81 -14.83
C ALA A 148 15.02 -3.33 -15.01
N ASP A 149 14.85 -4.65 -14.94
CA ASP A 149 13.54 -5.26 -15.05
C ASP A 149 13.23 -5.64 -13.62
N VAL A 150 12.45 -4.79 -12.95
CA VAL A 150 12.16 -5.00 -11.53
C VAL A 150 10.70 -5.02 -11.16
N SER A 151 9.82 -5.23 -12.14
CA SER A 151 8.40 -5.26 -11.87
C SER A 151 7.79 -6.57 -12.32
N GLU A 152 6.62 -6.88 -11.78
CA GLU A 152 5.91 -8.11 -12.13
C GLU A 152 4.41 -7.93 -11.98
N GLU B 3 -0.05 -18.64 1.38
CA GLU B 3 0.74 -18.19 0.21
C GLU B 3 0.85 -16.68 0.12
N LYS B 4 -0.23 -16.04 -0.35
CA LYS B 4 -0.21 -14.59 -0.53
C LYS B 4 0.11 -13.78 0.73
N VAL B 5 -0.52 -14.11 1.85
CA VAL B 5 -0.25 -13.34 3.06
C VAL B 5 1.20 -13.57 3.51
N GLU B 6 1.68 -14.81 3.42
CA GLU B 6 3.05 -15.09 3.84
C GLU B 6 4.04 -14.28 3.02
N GLU B 7 3.80 -14.18 1.71
CA GLU B 7 4.68 -13.42 0.83
C GLU B 7 4.67 -11.93 1.16
N TRP B 8 3.48 -11.42 1.49
CA TRP B 8 3.33 -10.00 1.82
C TRP B 8 4.12 -9.66 3.09
N ILE B 9 4.01 -10.53 4.09
CA ILE B 9 4.72 -10.36 5.35
C ILE B 9 6.24 -10.38 5.13
N LYS B 10 6.70 -11.38 4.41
CA LYS B 10 8.12 -11.54 4.16
C LYS B 10 8.71 -10.37 3.37
N ALA B 11 7.93 -9.86 2.44
CA ALA B 11 8.40 -8.76 1.60
C ALA B 11 8.64 -7.49 2.40
N ARG B 12 8.05 -7.43 3.60
CA ARG B 12 8.20 -6.25 4.45
C ARG B 12 8.98 -6.52 5.73
N GLY B 13 9.51 -7.73 5.83
CA GLY B 13 10.29 -8.10 7.00
C GLY B 13 9.51 -8.13 8.32
N LEU B 14 8.19 -8.37 8.24
CA LEU B 14 7.35 -8.42 9.43
C LEU B 14 7.50 -9.77 10.13
N THR B 15 7.13 -9.82 11.42
CA THR B 15 7.27 -11.04 12.22
C THR B 15 5.95 -11.75 12.52
N TRP B 16 4.87 -11.27 11.91
CA TRP B 16 3.55 -11.85 12.14
C TRP B 16 3.48 -13.32 11.83
N ARG B 17 2.73 -14.04 12.65
CA ARG B 17 2.58 -15.48 12.47
C ARG B 17 1.26 -15.88 11.81
N LEU B 18 1.29 -16.88 10.95
CA LEU B 18 0.05 -17.42 10.39
C LEU B 18 -0.18 -18.67 11.25
N LEU B 19 -1.38 -18.80 11.81
CA LEU B 19 -1.72 -19.93 12.63
C LEU B 19 -2.57 -20.91 11.85
N ILE B 20 -2.06 -22.12 11.69
CA ILE B 20 -2.77 -23.15 10.97
C ILE B 20 -3.82 -23.77 11.87
N GLN B 22 -7.32 -26.17 12.80
CA GLN B 22 -7.78 -27.56 12.73
C GLN B 22 -8.86 -27.82 11.68
N LYS B 23 -9.67 -26.80 11.41
CA LYS B 23 -10.74 -26.89 10.43
C LYS B 23 -11.04 -25.49 9.91
N PRO B 24 -11.83 -25.39 8.84
CA PRO B 24 -12.12 -24.04 8.35
C PRO B 24 -12.72 -23.18 9.46
N THR B 25 -12.21 -21.96 9.57
CA THR B 25 -12.71 -21.03 10.57
C THR B 25 -13.04 -19.76 9.80
N ARG B 26 -14.34 -19.50 9.62
CA ARG B 26 -14.75 -18.32 8.88
C ARG B 26 -15.76 -17.44 9.59
N THR B 27 -15.95 -17.69 10.90
CA THR B 27 -16.85 -16.89 11.71
C THR B 27 -16.13 -16.43 12.97
N VAL B 28 -16.42 -15.21 13.40
CA VAL B 28 -15.80 -14.68 14.62
C VAL B 28 -15.98 -15.61 15.84
N ALA B 29 -17.19 -16.11 16.06
CA ALA B 29 -17.43 -16.98 17.21
C ALA B 29 -16.51 -18.23 17.23
N GLU B 30 -16.40 -18.91 16.10
CA GLU B 30 -15.58 -20.12 16.00
C GLU B 30 -14.13 -19.78 16.31
N ALA B 31 -13.65 -18.70 15.72
CA ALA B 31 -12.27 -18.27 15.94
C ALA B 31 -12.02 -17.98 17.40
N ALA B 32 -12.88 -17.17 18.02
CA ALA B 32 -12.65 -16.82 19.42
C ALA B 32 -12.66 -18.04 20.32
N ALA B 33 -13.49 -19.01 19.98
CA ALA B 33 -13.59 -20.22 20.76
C ALA B 33 -12.28 -21.02 20.69
N LEU B 34 -11.80 -21.27 19.47
CA LEU B 34 -10.56 -22.04 19.25
C LEU B 34 -9.37 -21.40 19.92
N LEU B 35 -9.23 -20.09 19.70
CA LEU B 35 -8.12 -19.33 20.27
C LEU B 35 -8.29 -19.07 21.76
N GLY B 36 -9.51 -19.17 22.26
CA GLY B 36 -9.77 -18.91 23.67
C GLY B 36 -9.50 -17.45 24.02
N VAL B 37 -9.95 -16.55 23.14
CA VAL B 37 -9.79 -15.10 23.34
C VAL B 37 -11.18 -14.46 23.18
N SER B 38 -11.28 -13.18 23.54
CA SER B 38 -12.54 -12.46 23.41
C SER B 38 -12.84 -12.22 21.93
N GLU B 39 -14.12 -12.12 21.56
CA GLU B 39 -14.48 -11.85 20.18
C GLU B 39 -13.93 -10.48 19.76
N SER B 40 -13.63 -9.64 20.74
CA SER B 40 -13.07 -8.32 20.46
C SER B 40 -11.59 -8.39 20.05
N GLU B 41 -11.00 -9.58 20.17
CA GLU B 41 -9.60 -9.79 19.82
C GLU B 41 -9.49 -10.42 18.43
N ILE B 42 -10.65 -10.75 17.86
CA ILE B 42 -10.71 -11.26 16.48
C ILE B 42 -11.06 -10.00 15.68
N VAL B 43 -10.67 -9.91 14.42
CA VAL B 43 -11.05 -8.75 13.63
C VAL B 43 -11.76 -9.19 12.38
N LYS B 44 -12.58 -8.30 11.86
CA LYS B 44 -13.27 -8.55 10.61
C LYS B 44 -12.67 -7.57 9.62
N THR B 45 -12.36 -8.00 8.40
CA THR B 45 -11.89 -7.04 7.39
C THR B 45 -13.11 -6.89 6.48
N LEU B 46 -13.76 -5.73 6.56
CA LEU B 46 -14.98 -5.51 5.77
C LEU B 46 -14.73 -4.72 4.51
N ILE B 47 -15.31 -5.15 3.39
CA ILE B 47 -15.14 -4.37 2.19
C ILE B 47 -16.30 -3.37 2.09
N VAL B 48 -15.96 -2.09 1.88
CA VAL B 48 -16.91 -0.98 1.81
C VAL B 48 -16.73 -0.29 0.46
N LEU B 49 -17.85 0.10 -0.15
CA LEU B 49 -17.81 0.75 -1.45
C LEU B 49 -18.40 2.14 -1.38
N ASP B 50 -17.71 3.13 -1.95
CA ASP B 50 -18.33 4.45 -1.95
C ASP B 50 -19.08 4.56 -3.28
N ASN B 51 -19.85 5.63 -3.48
CA ASN B 51 -20.64 5.73 -4.71
C ASN B 51 -19.90 6.28 -5.93
N ALA B 52 -18.57 6.35 -5.84
CA ALA B 52 -17.76 6.84 -6.95
C ALA B 52 -16.70 5.82 -7.35
N GLY B 53 -16.94 4.55 -7.01
CA GLY B 53 -16.00 3.50 -7.38
C GLY B 53 -14.90 3.18 -6.38
N GLY B 54 -14.79 3.95 -5.31
CA GLY B 54 -13.75 3.71 -4.32
C GLY B 54 -14.08 2.47 -3.48
N VAL B 55 -13.05 1.70 -3.20
CA VAL B 55 -13.18 0.46 -2.42
C VAL B 55 -12.25 0.58 -1.20
N TYR B 56 -12.76 0.15 -0.04
CA TYR B 56 -12.01 0.21 1.22
C TYR B 56 -12.07 -1.12 1.94
N ALA B 57 -11.00 -1.48 2.64
CA ALA B 57 -11.02 -2.70 3.45
C ALA B 57 -10.92 -2.09 4.84
N VAL B 58 -11.95 -2.29 5.65
CA VAL B 58 -12.05 -1.69 6.97
C VAL B 58 -11.95 -2.75 8.04
N VAL B 59 -10.88 -2.65 8.83
CA VAL B 59 -10.62 -3.66 9.85
C VAL B 59 -11.27 -3.21 11.16
N ILE B 60 -12.23 -3.99 11.65
CA ILE B 60 -12.90 -3.61 12.89
C ILE B 60 -12.94 -4.80 13.85
N PRO B 61 -13.27 -4.57 15.14
CA PRO B 61 -13.33 -5.67 16.11
C PRO B 61 -14.42 -6.69 15.74
N GLY B 62 -14.15 -7.95 16.06
CA GLY B 62 -15.06 -9.04 15.75
C GLY B 62 -16.43 -8.91 16.41
N ASP B 63 -16.50 -8.18 17.54
CA ASP B 63 -17.78 -8.00 18.22
C ASP B 63 -18.56 -6.74 17.84
N LYS B 64 -18.08 -6.00 16.85
CA LYS B 64 -18.73 -4.77 16.46
C LYS B 64 -19.20 -4.84 15.01
N ARG B 65 -19.76 -3.73 14.55
CA ARG B 65 -20.23 -3.62 13.17
C ARG B 65 -19.76 -2.26 12.67
N LEU B 66 -19.78 -2.09 11.35
CA LEU B 66 -19.37 -0.83 10.77
C LEU B 66 -20.34 0.32 11.11
N ASN B 67 -19.81 1.47 11.54
CA ASN B 67 -20.63 2.65 11.77
C ASN B 67 -20.67 3.36 10.41
N ILE B 68 -21.78 3.23 9.70
CA ILE B 68 -21.91 3.85 8.39
C ILE B 68 -21.71 5.34 8.32
N ASN B 69 -22.32 6.08 9.23
CA ASN B 69 -22.17 7.54 9.24
C ASN B 69 -20.70 7.90 9.34
N SER B 70 -19.98 7.20 10.19
CA SER B 70 -18.57 7.50 10.35
C SER B 70 -17.78 7.22 9.09
N LYS B 72 -18.95 7.24 6.10
CA LYS B 72 -19.37 8.24 5.13
C LYS B 72 -18.56 9.53 5.32
N GLU B 73 -18.41 9.98 6.56
CA GLU B 73 -17.63 11.19 6.80
C GLU B 73 -16.17 10.96 6.41
N LEU B 74 -15.67 9.78 6.72
CA LEU B 74 -14.29 9.46 6.40
C LEU B 74 -14.08 9.44 4.90
N ALA B 75 -14.97 8.77 4.19
CA ALA B 75 -14.87 8.66 2.74
C ALA B 75 -15.20 10.00 2.07
N GLY B 76 -16.03 10.81 2.73
CA GLY B 76 -16.45 12.08 2.17
C GLY B 76 -17.47 11.90 1.05
N LYS B 77 -18.01 10.68 0.94
CA LYS B 77 -18.98 10.33 -0.09
C LYS B 77 -19.85 9.22 0.48
N PRO B 78 -21.05 9.01 -0.09
CA PRO B 78 -21.95 7.96 0.39
C PRO B 78 -21.26 6.59 0.30
N VAL B 79 -21.44 5.74 1.30
CA VAL B 79 -20.83 4.42 1.29
C VAL B 79 -21.84 3.33 1.67
N ARG B 80 -21.49 2.09 1.36
CA ARG B 80 -22.30 0.93 1.71
C ARG B 80 -21.40 -0.29 1.83
N LEU B 81 -21.87 -1.31 2.55
CA LEU B 81 -21.08 -2.54 2.66
C LEU B 81 -21.15 -3.25 1.32
N ALA B 82 -20.04 -3.86 0.90
CA ALA B 82 -20.02 -4.60 -0.35
C ALA B 82 -20.81 -5.88 -0.13
N ARG B 83 -21.53 -6.30 -1.16
CA ARG B 83 -22.31 -7.52 -1.06
C ARG B 83 -21.35 -8.67 -1.26
N ALA B 84 -21.80 -9.89 -0.93
CA ALA B 84 -20.95 -11.07 -1.05
C ALA B 84 -20.26 -11.19 -2.41
N ASN B 85 -21.02 -10.98 -3.49
CA ASN B 85 -20.44 -11.09 -4.84
C ASN B 85 -19.38 -10.06 -5.09
N GLU B 86 -19.57 -8.85 -4.55
CA GLU B 86 -18.61 -7.79 -4.71
C GLU B 86 -17.33 -8.10 -3.95
N VAL B 87 -17.47 -8.71 -2.77
CA VAL B 87 -16.28 -9.05 -1.97
C VAL B 87 -15.39 -10.02 -2.75
N VAL B 88 -16.01 -11.06 -3.29
CA VAL B 88 -15.27 -12.05 -4.05
C VAL B 88 -14.62 -11.45 -5.29
N GLU B 89 -15.40 -10.69 -6.05
CA GLU B 89 -14.88 -10.07 -7.28
C GLU B 89 -13.71 -9.13 -7.02
N LEU B 90 -13.85 -8.30 -5.99
CA LEU B 90 -12.83 -7.28 -5.72
C LEU B 90 -11.59 -7.72 -4.98
N THR B 91 -11.72 -8.74 -4.13
CA THR B 91 -10.57 -9.14 -3.32
C THR B 91 -9.87 -10.42 -3.68
N GLY B 92 -10.63 -11.33 -4.30
CA GLY B 92 -10.04 -12.60 -4.69
C GLY B 92 -10.06 -13.58 -3.51
N TYR B 93 -10.80 -13.22 -2.47
CA TYR B 93 -10.95 -14.05 -1.28
C TYR B 93 -12.44 -14.24 -1.04
N PRO B 94 -12.81 -15.35 -0.36
CA PRO B 94 -14.20 -15.66 -0.06
C PRO B 94 -14.78 -14.78 1.04
N VAL B 95 -16.10 -14.62 1.06
CA VAL B 95 -16.74 -13.79 2.07
C VAL B 95 -16.41 -14.37 3.44
N GLY B 96 -16.07 -13.51 4.40
CA GLY B 96 -15.72 -13.98 5.73
C GLY B 96 -14.32 -14.57 5.79
N GLY B 97 -13.56 -14.40 4.71
CA GLY B 97 -12.21 -14.92 4.66
C GLY B 97 -11.27 -13.90 4.06
N VAL B 98 -11.64 -12.63 4.17
CA VAL B 98 -10.81 -11.55 3.64
C VAL B 98 -9.72 -11.18 4.64
N PRO B 99 -8.44 -11.23 4.25
CA PRO B 99 -7.35 -10.87 5.15
C PRO B 99 -7.16 -9.35 5.11
N PRO B 100 -6.48 -8.79 6.11
CA PRO B 100 -6.27 -7.34 6.12
C PRO B 100 -5.14 -6.84 5.22
N VAL B 101 -4.36 -7.78 4.69
CA VAL B 101 -3.21 -7.44 3.86
C VAL B 101 -3.17 -8.44 2.71
N ALA B 102 -2.25 -8.22 1.79
CA ALA B 102 -2.12 -9.05 0.60
C ALA B 102 -3.41 -8.97 -0.21
N LEU B 103 -3.98 -7.78 -0.27
CA LEU B 103 -5.19 -7.53 -1.04
C LEU B 103 -4.79 -6.94 -2.39
N PRO B 104 -5.70 -7.04 -3.38
CA PRO B 104 -5.39 -6.47 -4.69
C PRO B 104 -5.24 -4.97 -4.60
N PRO B 105 -4.70 -4.40 -5.66
CA PRO B 105 -4.51 -2.95 -5.73
C PRO B 105 -5.88 -2.25 -5.72
N ASN B 106 -5.84 -0.96 -5.48
CA ASN B 106 -7.03 -0.12 -5.48
C ASN B 106 -8.03 -0.41 -4.38
N ILE B 107 -7.47 -0.80 -3.24
CA ILE B 107 -8.29 -1.06 -2.07
C ILE B 107 -7.61 -0.29 -0.94
N VAL B 108 -8.34 0.68 -0.37
CA VAL B 108 -7.84 1.55 0.68
C VAL B 108 -8.04 0.92 2.07
N LEU B 109 -6.94 0.68 2.76
CA LEU B 109 -7.03 0.07 4.10
C LEU B 109 -7.39 1.13 5.16
N VAL B 110 -8.34 0.78 6.03
CA VAL B 110 -8.78 1.67 7.13
C VAL B 110 -8.75 0.79 8.39
N VAL B 111 -8.12 1.27 9.48
CA VAL B 111 -8.08 0.47 10.70
C VAL B 111 -8.82 1.20 11.81
N ASP B 112 -9.72 0.47 12.48
CA ASP B 112 -10.52 1.04 13.57
C ASP B 112 -9.56 1.36 14.73
N ARG B 113 -9.65 2.58 15.24
CA ARG B 113 -8.71 3.03 16.27
C ARG B 113 -8.61 2.21 17.54
N ILE B 114 -9.73 1.69 18.01
CA ILE B 114 -9.67 0.90 19.25
C ILE B 114 -8.75 -0.31 19.09
N LEU B 115 -8.57 -0.81 17.86
CA LEU B 115 -7.73 -1.98 17.70
C LEU B 115 -6.27 -1.71 18.05
N LEU B 116 -5.86 -0.44 17.97
CA LEU B 116 -4.48 -0.11 18.26
C LEU B 116 -4.19 -0.31 19.75
N SER B 117 -5.24 -0.47 20.57
CA SER B 117 -5.02 -0.70 22.01
C SER B 117 -4.77 -2.19 22.35
N ARG B 118 -4.82 -3.04 21.34
CA ARG B 118 -4.53 -4.46 21.53
C ARG B 118 -3.14 -4.77 20.98
N LYS B 119 -2.37 -5.54 21.76
CA LYS B 119 -1.04 -5.96 21.36
C LYS B 119 -1.09 -6.90 20.16
N LYS B 120 -2.07 -7.79 20.16
CA LYS B 120 -2.24 -8.71 19.06
C LYS B 120 -3.71 -9.04 18.87
N VAL B 121 -4.07 -9.26 17.61
CA VAL B 121 -5.43 -9.62 17.26
C VAL B 121 -5.31 -10.68 16.19
N TYR B 122 -6.44 -11.26 15.82
CA TYR B 122 -6.43 -12.32 14.83
C TYR B 122 -7.38 -12.02 13.70
N GLY B 123 -6.86 -12.06 12.47
CA GLY B 123 -7.68 -11.82 11.29
C GLY B 123 -7.56 -12.94 10.27
N GLY B 124 -8.12 -12.71 9.07
CA GLY B 124 -8.01 -13.70 8.00
C GLY B 124 -6.57 -13.97 7.61
N GLY B 125 -6.26 -15.26 7.38
CA GLY B 125 -4.88 -15.63 7.04
C GLY B 125 -4.65 -15.87 5.56
N GLY B 126 -5.64 -15.59 4.75
CA GLY B 126 -5.47 -15.77 3.31
C GLY B 126 -6.01 -17.07 2.77
N ARG B 127 -6.48 -17.94 3.67
CA ARG B 127 -7.09 -19.21 3.27
C ARG B 127 -7.98 -19.61 4.45
N GLU B 128 -8.99 -20.45 4.21
CA GLU B 128 -9.93 -20.82 5.25
C GLU B 128 -9.35 -21.48 6.48
N ASN B 129 -8.22 -22.17 6.33
CA ASN B 129 -7.63 -22.87 7.47
C ASN B 129 -6.45 -22.16 8.12
N ALA B 130 -6.36 -20.85 7.97
CA ALA B 130 -5.26 -20.11 8.58
C ALA B 130 -5.73 -18.75 9.05
N LEU B 131 -5.27 -18.37 10.24
CA LEU B 131 -5.58 -17.04 10.78
C LEU B 131 -4.30 -16.28 10.91
N LEU B 132 -4.36 -14.98 10.66
CA LEU B 132 -3.19 -14.15 10.80
C LEU B 132 -3.14 -13.52 12.19
N GLU B 133 -2.05 -13.75 12.91
CA GLU B 133 -1.89 -13.15 14.24
C GLU B 133 -1.04 -11.92 14.00
N PHE B 134 -1.55 -10.74 14.34
CA PHE B 134 -0.79 -9.52 14.05
C PHE B 134 -1.03 -8.39 15.03
N SER B 135 -0.15 -7.39 14.97
CA SER B 135 -0.27 -6.24 15.82
C SER B 135 -0.91 -5.10 15.01
N PRO B 136 -2.07 -4.57 15.47
CA PRO B 136 -2.69 -3.49 14.73
C PRO B 136 -1.75 -2.27 14.57
N ARG B 137 -0.99 -1.93 15.62
CA ARG B 137 -0.06 -0.79 15.49
C ARG B 137 0.96 -1.06 14.39
N GLU B 138 1.48 -2.29 14.33
CA GLU B 138 2.44 -2.64 13.32
C GLU B 138 1.80 -2.60 11.93
N LEU B 139 0.53 -3.00 11.84
CA LEU B 139 -0.15 -2.97 10.53
C LEU B 139 -0.23 -1.53 10.02
N VAL B 140 -0.62 -0.61 10.90
CA VAL B 140 -0.76 0.78 10.48
C VAL B 140 0.62 1.36 10.20
N GLU B 141 1.60 1.00 11.03
CA GLU B 141 2.95 1.52 10.82
C GLU B 141 3.54 1.04 9.50
N ALA B 142 3.27 -0.20 9.14
CA ALA B 142 3.83 -0.73 7.90
C ALA B 142 3.16 -0.24 6.61
N THR B 143 1.89 0.12 6.71
CA THR B 143 1.09 0.54 5.57
C THR B 143 0.76 2.02 5.46
N GLY B 144 0.79 2.72 6.59
CA GLY B 144 0.42 4.12 6.61
C GLY B 144 -1.10 4.25 6.46
N ALA B 145 -1.81 3.18 6.78
CA ALA B 145 -3.28 3.17 6.67
C ALA B 145 -3.91 4.23 7.51
N VAL B 146 -5.05 4.74 7.05
CA VAL B 146 -5.77 5.74 7.83
C VAL B 146 -6.41 5.03 9.02
N VAL B 147 -6.44 5.73 10.16
CA VAL B 147 -7.04 5.19 11.36
C VAL B 147 -8.21 6.11 11.72
N ALA B 148 -9.36 5.53 12.07
CA ALA B 148 -10.51 6.35 12.43
C ALA B 148 -11.38 5.53 13.35
N ASP B 149 -12.35 6.17 13.99
CA ASP B 149 -13.26 5.42 14.84
C ASP B 149 -14.45 5.07 13.95
N VAL B 150 -14.46 3.85 13.45
CA VAL B 150 -15.49 3.44 12.49
C VAL B 150 -16.36 2.27 12.84
N SER B 151 -16.31 1.83 14.09
CA SER B 151 -17.14 0.71 14.51
C SER B 151 -18.18 1.14 15.53
N GLU B 152 -19.21 0.32 15.72
CA GLU B 152 -20.24 0.62 16.71
C GLU B 152 -20.86 -0.67 17.22
#